data_8DAI
#
_entry.id   8DAI
#
_cell.length_a   34.251
_cell.length_b   45.357
_cell.length_c   98.845
_cell.angle_alpha   90.000
_cell.angle_beta   90.000
_cell.angle_gamma   90.000
#
_symmetry.space_group_name_H-M   'P 21 21 21'
#
loop_
_entity.id
_entity.type
_entity.pdbx_description
1 polymer 'Dihydrofolate reductase'
2 non-polymer methopterin
3 non-polymer 'NADP NICOTINAMIDE-ADENINE-DINUCLEOTIDE PHOSPHATE'
4 non-polymer 'MANGANESE (II) ION'
5 water water
#
_entity_poly.entity_id   1
_entity_poly.type   'polypeptide(L)'
_entity_poly.pdbx_seq_one_letter_code
;MISLIAALAVDRVIGMENAMPWNLPADLAWFKRNTLNKPVIMGRHTWESIGRPLPGRKNIILSSQPGTDDRVTWVKSVDE
AIAACGDVPEIMVIGGGRVYEQFLPKAQKLYLTHIDAEVEGDTHFPDYEPDDWESVFSEFHDADAQNSHSY(CSD)FEIL
ERR
;
_entity_poly.pdbx_strand_id   A
#
loop_
_chem_comp.id
_chem_comp.type
_chem_comp.name
_chem_comp.formula
MN non-polymer 'MANGANESE (II) ION' 'Mn 2'
NAP non-polymer 'NADP NICOTINAMIDE-ADENINE-DINUCLEOTIDE PHOSPHATE' 'C21 H28 N7 O17 P3'
R6F non-polymer methopterin 'C20 H21 N7 O6'
#
# COMPACT_ATOMS: atom_id res chain seq x y z
N MET A 1 2.96 11.60 -10.58
N MET A 1 2.79 11.30 -10.91
N MET A 1 3.38 11.69 -9.92
CA MET A 1 3.62 10.26 -10.54
CA MET A 1 3.70 10.29 -10.33
CA MET A 1 3.66 10.30 -10.37
C MET A 1 2.75 9.32 -9.70
C MET A 1 2.84 9.32 -9.55
C MET A 1 2.93 9.32 -9.45
N ILE A 2 3.11 8.04 -9.73
CA ILE A 2 2.44 6.97 -9.02
C ILE A 2 3.39 6.38 -7.98
N SER A 3 2.89 6.25 -6.76
CA SER A 3 3.59 5.63 -5.65
C SER A 3 2.79 4.49 -5.07
N LEU A 4 3.47 3.46 -4.59
N LEU A 4 3.46 3.43 -4.65
CA LEU A 4 2.85 2.39 -3.83
CA LEU A 4 2.84 2.38 -3.85
C LEU A 4 3.27 2.49 -2.38
C LEU A 4 3.24 2.61 -2.40
N ILE A 5 2.33 2.27 -1.48
CA ILE A 5 2.62 2.22 -0.04
C ILE A 5 2.08 0.90 0.49
N ALA A 6 2.89 0.22 1.31
CA ALA A 6 2.53 -1.07 1.86
C ALA A 6 3.35 -1.32 3.11
N ALA A 7 2.82 -2.19 3.95
CA ALA A 7 3.52 -2.79 5.09
C ALA A 7 3.69 -4.28 4.85
N LEU A 8 4.93 -4.75 4.93
CA LEU A 8 5.31 -6.11 4.63
C LEU A 8 5.88 -6.79 5.84
N ALA A 9 5.39 -7.97 6.15
CA ALA A 9 6.00 -8.82 7.16
C ALA A 9 7.01 -9.71 6.45
N VAL A 10 7.56 -10.67 7.18
CA VAL A 10 8.55 -11.58 6.61
C VAL A 10 7.99 -12.25 5.37
N ASP A 11 8.84 -12.43 4.36
CA ASP A 11 8.48 -13.11 3.13
C ASP A 11 7.45 -12.34 2.32
N ARG A 12 7.42 -11.05 2.53
CA ARG A 12 6.55 -10.14 1.78
C ARG A 12 5.06 -10.37 2.03
N VAL A 13 4.69 -10.98 3.14
CA VAL A 13 3.29 -11.18 3.46
C VAL A 13 2.66 -9.84 3.78
N ILE A 14 1.49 -9.61 3.20
CA ILE A 14 0.75 -8.36 3.42
C ILE A 14 -0.64 -8.57 3.99
N GLY A 15 -1.16 -9.78 4.04
CA GLY A 15 -2.49 -9.96 4.57
C GLY A 15 -2.82 -11.41 4.75
N MET A 16 -3.88 -11.63 5.50
N MET A 16 -3.93 -11.64 5.44
N MET A 16 -3.91 -11.64 5.47
CA MET A 16 -4.40 -12.96 5.74
CA MET A 16 -4.39 -12.98 5.80
CA MET A 16 -4.40 -12.97 5.82
C MET A 16 -5.90 -12.85 5.96
C MET A 16 -5.89 -12.91 6.02
C MET A 16 -5.91 -12.87 6.00
N GLU A 17 -6.67 -13.59 5.17
CA GLU A 17 -8.13 -13.66 5.33
C GLU A 17 -8.73 -12.26 5.35
N ASN A 18 -8.27 -11.44 4.41
CA ASN A 18 -8.75 -10.08 4.17
C ASN A 18 -8.51 -9.14 5.35
N ALA A 19 -7.49 -9.41 6.15
CA ALA A 19 -7.13 -8.54 7.25
C ALA A 19 -5.61 -8.47 7.35
N MET A 20 -5.13 -7.48 8.10
N MET A 20 -5.10 -7.65 8.26
CA MET A 20 -3.76 -7.45 8.60
CA MET A 20 -3.66 -7.66 8.50
C MET A 20 -3.84 -7.88 10.07
C MET A 20 -3.37 -8.13 9.92
N PRO A 21 -3.14 -8.95 10.49
N PRO A 21 -2.56 -9.20 10.09
CA PRO A 21 -3.35 -9.47 11.86
CA PRO A 21 -2.35 -9.79 11.42
C PRO A 21 -2.55 -8.77 12.93
C PRO A 21 -1.19 -9.17 12.19
N TRP A 22 -1.52 -8.03 12.54
N TRP A 22 -1.22 -7.85 12.30
CA TRP A 22 -0.70 -7.30 13.48
CA TRP A 22 -0.35 -7.09 13.18
C TRP A 22 -1.37 -5.95 13.76
C TRP A 22 -1.10 -5.79 13.50
N ASN A 23 -0.75 -5.19 14.64
CA ASN A 23 -1.25 -3.88 15.07
C ASN A 23 -0.02 -3.05 15.39
N LEU A 24 0.31 -2.08 14.53
CA LEU A 24 1.49 -1.24 14.70
C LEU A 24 1.02 0.19 14.54
N PRO A 25 0.58 0.83 15.62
CA PRO A 25 0.10 2.22 15.50
C PRO A 25 1.08 3.16 14.86
N ALA A 26 2.38 2.98 15.07
CA ALA A 26 3.33 3.89 14.44
C ALA A 26 3.30 3.78 12.92
N ASP A 27 3.05 2.58 12.42
CA ASP A 27 2.96 2.41 10.98
C ASP A 27 1.66 2.98 10.42
N LEU A 28 0.57 2.87 11.16
CA LEU A 28 -0.65 3.53 10.71
C LEU A 28 -0.49 5.03 10.68
N ALA A 29 0.26 5.60 11.64
CA ALA A 29 0.53 7.04 11.62
C ALA A 29 1.34 7.43 10.37
N TRP A 30 2.32 6.61 10.03
CA TRP A 30 3.13 6.81 8.84
C TRP A 30 2.26 6.74 7.58
N PHE A 31 1.36 5.77 7.54
CA PHE A 31 0.48 5.65 6.39
C PHE A 31 -0.38 6.91 6.24
N LYS A 32 -0.94 7.40 7.35
CA LYS A 32 -1.79 8.58 7.27
C LYS A 32 -0.98 9.81 6.83
N ARG A 33 0.20 10.01 7.41
N ARG A 33 0.20 9.97 7.41
CA ARG A 33 0.95 11.19 7.04
CA ARG A 33 1.06 11.10 7.10
C ARG A 33 1.28 11.18 5.55
C ARG A 33 1.41 11.17 5.62
N ASN A 34 1.64 10.01 5.00
CA ASN A 34 2.06 9.95 3.61
C ASN A 34 0.92 9.87 2.62
N THR A 35 -0.31 9.65 3.06
CA THR A 35 -1.42 9.64 2.14
C THR A 35 -2.40 10.80 2.27
N LEU A 36 -2.42 11.51 3.39
CA LEU A 36 -3.40 12.57 3.57
C LEU A 36 -3.27 13.58 2.45
N ASN A 37 -4.41 14.07 1.97
CA ASN A 37 -4.52 15.08 0.93
C ASN A 37 -4.04 14.62 -0.43
N LYS A 38 -4.04 13.32 -0.66
CA LYS A 38 -3.71 12.72 -1.94
C LYS A 38 -4.80 11.74 -2.30
N PRO A 39 -4.98 11.46 -3.59
CA PRO A 39 -5.88 10.36 -3.96
C PRO A 39 -5.25 9.04 -3.61
N VAL A 40 -6.10 8.11 -3.19
CA VAL A 40 -5.71 6.73 -2.89
C VAL A 40 -6.50 5.80 -3.79
N ILE A 41 -5.81 4.87 -4.42
CA ILE A 41 -6.42 3.84 -5.26
C ILE A 41 -6.30 2.51 -4.53
N MET A 42 -7.41 1.78 -4.44
CA MET A 42 -7.43 0.47 -3.82
C MET A 42 -8.35 -0.46 -4.57
N GLY A 43 -8.08 -1.75 -4.42
CA GLY A 43 -8.95 -2.77 -4.91
C GLY A 43 -10.15 -3.01 -4.03
N ARG A 44 -11.13 -3.71 -4.59
CA ARG A 44 -12.39 -3.90 -3.87
C ARG A 44 -12.19 -4.67 -2.56
N HIS A 45 -11.31 -5.66 -2.53
CA HIS A 45 -11.13 -6.41 -1.30
C HIS A 45 -10.55 -5.55 -0.20
N THR A 46 -9.59 -4.68 -0.54
CA THR A 46 -9.03 -3.75 0.43
C THR A 46 -10.08 -2.75 0.91
N TRP A 47 -10.92 -2.26 0.01
CA TRP A 47 -12.05 -1.41 0.42
C TRP A 47 -12.92 -2.09 1.47
N GLU A 48 -13.25 -3.36 1.25
CA GLU A 48 -14.03 -4.09 2.24
C GLU A 48 -13.25 -4.32 3.54
N SER A 49 -11.91 -4.43 3.48
N SER A 49 -11.91 -4.44 3.47
CA SER A 49 -11.11 -4.61 4.68
CA SER A 49 -11.10 -4.60 4.66
C SER A 49 -11.04 -3.33 5.50
C SER A 49 -11.07 -3.33 5.49
N ILE A 50 -10.89 -2.19 4.83
CA ILE A 50 -10.82 -0.92 5.54
C ILE A 50 -12.15 -0.63 6.19
N GLY A 51 -13.21 -0.78 5.42
CA GLY A 51 -14.55 -0.74 5.95
C GLY A 51 -15.27 0.58 5.93
N ARG A 52 -14.64 1.66 5.47
N ARG A 52 -14.63 1.67 5.50
CA ARG A 52 -15.20 3.01 5.47
CA ARG A 52 -15.22 3.01 5.46
C ARG A 52 -14.28 3.88 4.61
C ARG A 52 -14.26 3.92 4.68
N PRO A 53 -14.75 5.04 4.15
CA PRO A 53 -13.83 5.94 3.40
C PRO A 53 -12.75 6.52 4.29
N LEU A 54 -11.56 6.65 3.74
CA LEU A 54 -10.46 7.27 4.46
C LEU A 54 -10.62 8.78 4.38
N PRO A 55 -10.71 9.47 5.51
CA PRO A 55 -11.00 10.91 5.46
C PRO A 55 -9.83 11.70 4.92
N GLY A 56 -10.12 12.81 4.24
CA GLY A 56 -9.10 13.71 3.79
C GLY A 56 -8.34 13.25 2.56
N ARG A 57 -8.86 12.25 1.86
CA ARG A 57 -8.26 11.65 0.68
C ARG A 57 -9.39 11.35 -0.29
N LYS A 58 -9.11 11.46 -1.58
CA LYS A 58 -10.05 11.00 -2.59
C LYS A 58 -9.91 9.48 -2.70
N ASN A 59 -10.97 8.73 -2.40
CA ASN A 59 -10.92 7.26 -2.37
C ASN A 59 -11.43 6.74 -3.71
N ILE A 60 -10.57 6.02 -4.42
CA ILE A 60 -10.87 5.44 -5.73
C ILE A 60 -10.77 3.93 -5.60
N ILE A 61 -11.86 3.25 -5.93
CA ILE A 61 -11.95 1.80 -5.80
C ILE A 61 -12.01 1.19 -7.18
N LEU A 62 -11.13 0.23 -7.43
CA LEU A 62 -11.19 -0.60 -8.62
C LEU A 62 -12.11 -1.81 -8.42
N SER A 63 -13.05 -1.96 -9.33
CA SER A 63 -13.90 -3.14 -9.35
C SER A 63 -14.44 -3.30 -10.76
N SER A 64 -14.57 -4.56 -11.19
CA SER A 64 -15.22 -4.83 -12.46
C SER A 64 -16.73 -4.64 -12.41
N GLN A 65 -17.32 -4.56 -11.23
N GLN A 65 -17.31 -4.55 -11.21
CA GLN A 65 -18.76 -4.46 -11.12
CA GLN A 65 -18.74 -4.47 -10.99
C GLN A 65 -19.17 -3.10 -10.59
C GLN A 65 -19.15 -3.06 -10.65
N PRO A 66 -20.44 -2.74 -10.76
CA PRO A 66 -20.89 -1.40 -10.39
C PRO A 66 -20.64 -1.14 -8.92
N GLY A 67 -20.35 0.12 -8.63
CA GLY A 67 -20.13 0.53 -7.26
C GLY A 67 -21.40 0.44 -6.44
N THR A 68 -21.19 0.35 -5.13
CA THR A 68 -22.26 0.16 -4.17
C THR A 68 -22.19 1.18 -3.03
N ASP A 69 -21.57 2.33 -3.26
CA ASP A 69 -21.42 3.34 -2.22
C ASP A 69 -20.96 4.63 -2.88
N ASP A 70 -21.76 5.67 -2.85
CA ASP A 70 -21.42 6.90 -3.55
C ASP A 70 -20.55 7.85 -2.73
N ARG A 71 -20.05 7.42 -1.58
CA ARG A 71 -19.07 8.20 -0.83
C ARG A 71 -17.68 8.07 -1.40
N VAL A 72 -17.47 7.15 -2.35
CA VAL A 72 -16.18 6.91 -2.98
C VAL A 72 -16.40 6.85 -4.48
N THR A 73 -15.29 6.87 -5.22
CA THR A 73 -15.32 6.85 -6.68
C THR A 73 -14.97 5.46 -7.16
N TRP A 74 -15.80 4.89 -8.00
CA TRP A 74 -15.61 3.54 -8.54
C TRP A 74 -15.16 3.61 -9.99
N VAL A 75 -14.15 2.81 -10.34
CA VAL A 75 -13.59 2.76 -11.68
C VAL A 75 -13.37 1.30 -12.05
N LYS A 76 -13.28 1.05 -13.36
CA LYS A 76 -13.29 -0.30 -13.90
C LYS A 76 -11.98 -0.72 -14.54
N SER A 77 -10.95 0.14 -14.56
CA SER A 77 -9.66 -0.20 -15.13
C SER A 77 -8.58 0.67 -14.52
N VAL A 78 -7.34 0.25 -14.72
CA VAL A 78 -6.19 0.99 -14.25
C VAL A 78 -6.15 2.38 -14.88
N ASP A 79 -6.35 2.47 -16.19
CA ASP A 79 -6.26 3.77 -16.84
C ASP A 79 -7.35 4.71 -16.33
N GLU A 80 -8.54 4.17 -16.07
CA GLU A 80 -9.62 5.00 -15.55
C GLU A 80 -9.31 5.46 -14.13
N ALA A 81 -8.73 4.58 -13.31
CA ALA A 81 -8.33 4.96 -11.96
C ALA A 81 -7.35 6.13 -12.00
N ILE A 82 -6.36 6.06 -12.88
CA ILE A 82 -5.38 7.15 -12.95
C ILE A 82 -6.06 8.44 -13.39
N ALA A 83 -6.91 8.35 -14.41
CA ALA A 83 -7.58 9.56 -14.91
C ALA A 83 -8.46 10.18 -13.85
N ALA A 84 -9.14 9.37 -13.06
CA ALA A 84 -10.01 9.91 -12.03
C ALA A 84 -9.28 10.68 -10.95
N CYS A 85 -7.96 10.54 -10.85
CA CYS A 85 -7.18 11.30 -9.90
C CYS A 85 -6.94 12.73 -10.35
N GLY A 86 -7.04 13.01 -11.65
CA GLY A 86 -6.81 14.33 -12.17
C GLY A 86 -5.34 14.66 -12.11
N ASP A 87 -5.04 15.96 -12.07
N ASP A 87 -5.08 15.97 -12.17
CA ASP A 87 -3.69 16.44 -12.28
CA ASP A 87 -3.72 16.52 -12.23
C ASP A 87 -3.05 16.78 -10.94
C ASP A 87 -3.33 16.73 -10.78
N VAL A 88 -2.71 15.73 -10.20
CA VAL A 88 -2.12 15.86 -8.87
C VAL A 88 -0.67 15.44 -8.93
N PRO A 89 0.14 15.88 -7.98
CA PRO A 89 1.57 15.55 -8.00
C PRO A 89 1.84 14.08 -7.73
N GLU A 90 1.02 13.44 -6.90
CA GLU A 90 1.36 12.10 -6.41
C GLU A 90 0.08 11.32 -6.14
N ILE A 91 -0.04 10.17 -6.78
CA ILE A 91 -1.13 9.24 -6.61
C ILE A 91 -0.63 8.09 -5.73
N MET A 92 -1.39 7.75 -4.70
CA MET A 92 -1.00 6.69 -3.77
C MET A 92 -1.80 5.44 -4.05
N VAL A 93 -1.13 4.34 -4.32
CA VAL A 93 -1.77 3.06 -4.51
C VAL A 93 -1.63 2.28 -3.22
N ILE A 94 -2.75 1.87 -2.62
CA ILE A 94 -2.74 1.33 -1.28
C ILE A 94 -3.19 -0.14 -1.23
N GLY A 95 -3.12 -0.82 -2.38
CA GLY A 95 -3.26 -2.26 -2.45
C GLY A 95 -4.65 -2.71 -2.82
N GLY A 96 -4.88 -4.01 -2.73
CA GLY A 96 -4.05 -5.05 -2.17
C GLY A 96 -3.12 -5.71 -3.15
N GLY A 97 -2.89 -7.02 -2.97
CA GLY A 97 -1.87 -7.69 -3.77
C GLY A 97 -2.07 -7.57 -5.27
N ARG A 98 -3.29 -7.79 -5.74
N ARG A 98 -3.30 -7.82 -5.75
CA ARG A 98 -3.54 -7.79 -7.18
CA ARG A 98 -3.57 -7.77 -7.18
C ARG A 98 -3.46 -6.38 -7.77
C ARG A 98 -3.33 -6.36 -7.71
N VAL A 99 -3.80 -5.37 -6.96
CA VAL A 99 -3.64 -3.98 -7.38
C VAL A 99 -2.18 -3.56 -7.38
N TYR A 100 -1.41 -3.93 -6.34
CA TYR A 100 0.01 -3.61 -6.35
C TYR A 100 0.72 -4.19 -7.58
N GLU A 101 0.35 -5.42 -7.97
N GLU A 101 0.39 -5.43 -7.94
N GLU A 101 0.36 -5.42 -7.97
CA GLU A 101 1.02 -6.05 -9.11
CA GLU A 101 1.00 -6.04 -9.13
CA GLU A 101 1.01 -6.04 -9.11
C GLU A 101 0.77 -5.28 -10.41
C GLU A 101 0.81 -5.16 -10.34
C GLU A 101 0.78 -5.24 -10.39
N GLN A 102 -0.42 -4.69 -10.56
CA GLN A 102 -0.73 -3.97 -11.78
C GLN A 102 -0.11 -2.59 -11.80
N PHE A 103 0.06 -1.95 -10.65
CA PHE A 103 0.62 -0.60 -10.64
C PHE A 103 2.14 -0.55 -10.49
N LEU A 104 2.78 -1.61 -10.02
CA LEU A 104 4.24 -1.60 -9.84
C LEU A 104 4.99 -1.15 -11.08
N PRO A 105 4.70 -1.64 -12.30
CA PRO A 105 5.47 -1.19 -13.46
C PRO A 105 5.33 0.27 -13.77
N LYS A 106 4.27 0.94 -13.31
N LYS A 106 4.29 0.92 -13.26
CA LYS A 106 4.14 2.37 -13.56
CA LYS A 106 4.00 2.30 -13.50
C LYS A 106 4.78 3.21 -12.47
C LYS A 106 4.48 3.22 -12.37
N ALA A 107 5.01 2.64 -11.30
CA ALA A 107 5.33 3.40 -10.11
C ALA A 107 6.75 3.96 -10.17
N GLN A 108 6.91 5.15 -9.60
N GLN A 108 6.90 5.16 -9.61
CA GLN A 108 8.21 5.77 -9.43
CA GLN A 108 8.18 5.81 -9.47
C GLN A 108 8.74 5.65 -8.02
C GLN A 108 8.72 5.80 -8.05
N LYS A 109 7.90 5.35 -7.03
N LYS A 109 7.89 5.48 -7.05
CA LYS A 109 8.30 5.44 -5.64
CA LYS A 109 8.30 5.44 -5.66
C LYS A 109 7.55 4.40 -4.86
C LYS A 109 7.57 4.31 -4.93
N LEU A 110 8.24 3.75 -3.94
CA LEU A 110 7.67 2.78 -3.02
C LEU A 110 7.90 3.27 -1.61
N TYR A 111 6.85 3.27 -0.81
CA TYR A 111 6.93 3.56 0.62
C TYR A 111 6.66 2.24 1.32
N LEU A 112 7.70 1.62 1.84
CA LEU A 112 7.58 0.28 2.40
C LEU A 112 7.87 0.29 3.88
N THR A 113 7.05 -0.40 4.66
CA THR A 113 7.38 -0.67 6.05
C THR A 113 7.75 -2.14 6.14
N HIS A 114 8.93 -2.42 6.64
CA HIS A 114 9.38 -3.79 6.82
C HIS A 114 9.17 -4.14 8.29
N ILE A 115 8.29 -5.08 8.57
CA ILE A 115 7.92 -5.45 9.92
C ILE A 115 8.56 -6.78 10.26
N ASP A 116 9.28 -6.82 11.37
N ASP A 116 9.23 -6.84 11.41
CA ASP A 116 9.91 -8.04 11.88
CA ASP A 116 9.93 -8.06 11.83
C ASP A 116 8.82 -8.85 12.58
C ASP A 116 8.95 -9.00 12.56
N ALA A 117 8.03 -9.55 11.78
CA ALA A 117 6.96 -10.40 12.28
C ALA A 117 6.79 -11.56 11.32
N GLU A 118 6.60 -12.74 11.87
N GLU A 118 6.61 -12.77 11.86
CA GLU A 118 6.22 -13.91 11.09
CA GLU A 118 6.44 -13.98 11.07
C GLU A 118 4.73 -14.13 11.26
C GLU A 118 4.94 -14.26 10.99
N VAL A 119 4.03 -14.13 10.14
N VAL A 119 4.36 -14.01 9.84
CA VAL A 119 2.61 -14.44 10.09
CA VAL A 119 2.91 -13.99 9.66
C VAL A 119 2.40 -15.31 8.86
C VAL A 119 2.55 -14.95 8.56
N GLU A 120 1.41 -16.19 8.92
N GLU A 120 1.79 -15.99 8.90
CA GLU A 120 1.04 -17.01 7.79
CA GLU A 120 1.08 -16.73 7.87
C GLU A 120 -0.03 -16.27 7.01
C GLU A 120 0.23 -15.75 7.07
N GLY A 121 0.30 -15.87 5.77
CA GLY A 121 -0.55 -15.02 4.98
C GLY A 121 -1.00 -15.69 3.70
N ASP A 122 -1.97 -15.06 3.07
CA ASP A 122 -2.49 -15.51 1.80
C ASP A 122 -2.33 -14.48 0.70
N THR A 123 -1.64 -13.37 0.98
CA THR A 123 -1.44 -12.27 0.03
C THR A 123 -0.03 -11.77 0.24
N HIS A 124 0.68 -11.53 -0.86
CA HIS A 124 2.04 -11.04 -0.85
C HIS A 124 2.20 -9.78 -1.66
N PHE A 125 3.15 -8.95 -1.28
CA PHE A 125 3.56 -7.85 -2.12
C PHE A 125 4.30 -8.44 -3.33
N PRO A 126 4.25 -7.78 -4.49
CA PRO A 126 4.91 -8.33 -5.68
C PRO A 126 6.39 -8.46 -5.46
N ASP A 127 6.99 -9.35 -6.24
N ASP A 127 6.95 -9.47 -6.10
CA ASP A 127 8.43 -9.63 -6.11
CA ASP A 127 8.39 -9.56 -6.20
C ASP A 127 9.21 -8.73 -7.06
C ASP A 127 8.78 -8.33 -7.01
N TYR A 128 9.46 -7.52 -6.61
N TYR A 128 9.73 -7.57 -6.49
CA TYR A 128 10.07 -6.57 -7.51
CA TYR A 128 10.21 -6.35 -7.14
C TYR A 128 11.56 -6.82 -7.63
C TYR A 128 11.69 -6.55 -7.42
N GLU A 129 12.17 -6.12 -8.59
CA GLU A 129 13.56 -6.34 -8.96
C GLU A 129 14.38 -5.34 -8.18
N PRO A 130 15.24 -5.76 -7.25
CA PRO A 130 15.96 -4.76 -6.43
C PRO A 130 16.84 -3.82 -7.21
N ASP A 131 17.39 -4.25 -8.34
CA ASP A 131 18.32 -3.40 -9.06
C ASP A 131 17.65 -2.17 -9.62
N ASP A 132 16.32 -2.20 -9.74
CA ASP A 132 15.60 -1.10 -10.33
C ASP A 132 15.38 0.06 -9.36
N TRP A 133 15.69 -0.09 -8.08
CA TRP A 133 15.23 0.84 -7.05
C TRP A 133 16.39 1.28 -6.19
N GLU A 134 16.40 2.56 -5.86
CA GLU A 134 17.36 3.18 -4.97
C GLU A 134 16.67 3.51 -3.65
N SER A 135 17.29 3.10 -2.57
CA SER A 135 16.79 3.44 -1.25
C SER A 135 17.24 4.85 -0.91
N VAL A 136 16.28 5.75 -0.71
CA VAL A 136 16.55 7.16 -0.43
C VAL A 136 16.26 7.55 1.00
N PHE A 137 15.62 6.69 1.77
CA PHE A 137 15.27 6.99 3.14
C PHE A 137 15.08 5.66 3.85
N SER A 138 15.63 5.54 5.06
CA SER A 138 15.31 4.38 5.89
C SER A 138 15.42 4.80 7.34
N GLU A 139 14.51 4.29 8.15
CA GLU A 139 14.47 4.64 9.56
C GLU A 139 13.99 3.43 10.33
N PHE A 140 14.86 2.88 11.17
CA PHE A 140 14.58 1.68 11.95
C PHE A 140 14.10 2.06 13.34
N HIS A 141 13.14 1.28 13.84
CA HIS A 141 12.57 1.45 15.16
C HIS A 141 12.48 0.10 15.86
N ASP A 142 12.98 0.05 17.09
CA ASP A 142 12.76 -1.09 17.94
C ASP A 142 11.31 -1.11 18.42
N ALA A 143 10.85 -2.30 18.79
CA ALA A 143 9.55 -2.46 19.42
C ALA A 143 9.50 -1.64 20.70
N ASP A 144 8.30 -1.24 21.09
CA ASP A 144 8.06 -0.50 22.32
C ASP A 144 6.70 -0.89 22.90
N ALA A 145 6.22 -0.14 23.90
CA ALA A 145 4.98 -0.53 24.57
C ALA A 145 3.75 -0.46 23.67
N GLN A 146 3.80 0.34 22.61
CA GLN A 146 2.69 0.50 21.69
C GLN A 146 2.83 -0.33 20.44
N ASN A 147 4.04 -0.74 20.04
CA ASN A 147 4.32 -1.39 18.77
C ASN A 147 5.08 -2.67 19.07
N SER A 148 4.44 -3.81 18.91
CA SER A 148 5.03 -5.00 19.46
C SER A 148 6.11 -5.66 18.60
N HIS A 149 6.39 -5.15 17.42
CA HIS A 149 7.49 -5.65 16.59
C HIS A 149 8.38 -4.48 16.22
N SER A 150 9.65 -4.77 15.94
CA SER A 150 10.48 -3.78 15.30
C SER A 150 10.04 -3.59 13.85
N TYR A 151 10.37 -2.44 13.31
CA TYR A 151 9.93 -2.08 11.97
C TYR A 151 10.87 -1.05 11.39
N CSD A 152 10.94 -1.02 10.07
N CSD A 152 10.91 -1.04 10.05
N CSD A 152 10.95 -1.05 10.07
CA CSD A 152 11.77 -0.04 9.33
CA CSD A 152 11.83 -0.23 9.24
CA CSD A 152 11.78 -0.09 9.30
CB CSD A 152 13.02 -0.79 8.83
CB CSD A 152 12.79 -1.00 8.36
CB CSD A 152 12.96 -0.88 8.75
SG CSD A 152 14.26 0.29 8.08
SG CSD A 152 14.17 -1.84 9.20
SG CSD A 152 14.10 0.12 7.77
C CSD A 152 10.97 0.59 8.21
C CSD A 152 10.85 0.57 8.34
C CSD A 152 10.96 0.58 8.22
O CSD A 152 10.42 -0.10 7.35
O CSD A 152 9.95 -0.11 7.77
O CSD A 152 10.35 -0.13 7.40
OD1 CSD A 152 14.03 0.21 6.63
OD1 CSD A 152 14.80 -2.67 8.16
OD1 CSD A 152 15.05 -0.86 7.23
OD2 CSD A 152 14.01 1.81 8.44
OD2 CSD A 152 15.23 -0.71 9.54
OD2 CSD A 152 13.36 0.66 6.47
H CSD A 152 10.79 -1.74 9.54
H CSD A 152 10.18 -1.24 9.53
H CSD A 152 10.81 -1.79 9.56
HA CSD A 152 12.04 0.70 9.91
HA CSD A 152 12.41 0.31 9.84
HA CSD A 152 12.09 0.65 9.89
HB2 CSD A 152 13.41 -1.26 9.58
HB2 CSD A 152 12.27 -1.67 7.88
HB2 CSD A 152 13.45 -1.27 9.50
HB3 CSD A 152 12.73 -1.45 8.17
HB3 CSD A 152 13.17 -0.37 7.71
HB3 CSD A 152 12.63 -1.60 8.18
HD2 CSD A 152 13.25 2.06 8.10
HD2 CSD A 152 14.82 -0.01 9.85
HD2 CSD A 152 13.90 1.19 6.03
N PHE A 153 10.95 1.90 8.22
CA PHE A 153 10.32 2.65 7.16
C PHE A 153 11.36 2.89 6.07
N GLU A 154 11.02 2.61 4.83
CA GLU A 154 11.92 2.80 3.70
C GLU A 154 11.19 3.45 2.55
N ILE A 155 11.85 4.38 1.88
CA ILE A 155 11.35 4.97 0.64
C ILE A 155 12.34 4.60 -0.44
N LEU A 156 11.85 3.94 -1.50
N LEU A 156 11.84 4.10 -1.57
CA LEU A 156 12.64 3.57 -2.67
CA LEU A 156 12.66 3.73 -2.72
C LEU A 156 12.18 4.44 -3.83
C LEU A 156 12.18 4.46 -3.96
N GLU A 157 13.10 4.81 -4.71
N GLU A 157 13.11 5.04 -4.71
CA GLU A 157 12.78 5.55 -5.92
CA GLU A 157 12.81 5.64 -5.99
C GLU A 157 13.35 4.85 -7.14
C GLU A 157 13.28 4.71 -7.09
N ARG A 158 12.57 4.73 -8.20
CA ARG A 158 13.00 3.99 -9.38
C ARG A 158 14.19 4.69 -10.02
N ARG A 159 15.26 3.94 -10.23
N ARG A 159 15.26 3.96 -10.25
CA ARG A 159 16.48 4.46 -10.82
CA ARG A 159 16.47 4.57 -10.74
C ARG A 159 16.32 4.68 -12.32
C ARG A 159 16.41 5.09 -12.15
N1 R6F B . 0.66 0.79 4.27
C R6F B . -6.84 3.14 8.55
C2 R6F B . 1.18 0.74 5.48
C4 R6F B . -0.76 -0.11 6.48
C6 R6F B . -3.19 -0.34 3.86
N R6F B . -6.05 4.35 8.45
CA R6F B . -6.43 5.47 9.34
O R6F B . -7.74 2.98 9.38
CB R6F B . -5.55 5.48 10.65
CG R6F B . -4.85 6.85 11.08
CD R6F B . -3.99 6.52 12.42
OE1 R6F B . -4.35 5.45 13.12
OE2 R6F B . -2.97 7.28 12.83
C11 R6F B . -6.42 2.07 7.55
C12 R6F B . -5.63 2.43 6.42
C13 R6F B . -5.31 1.38 5.52
C14 R6F B . -5.79 0.07 5.74
C15 R6F B . -6.54 -0.28 6.86
C16 R6F B . -6.90 0.76 7.75
C4A R6F B . -1.40 -0.05 5.23
C7 R6F B . -2.40 0.08 2.77
C8A R6F B . -0.60 0.40 4.13
C9 R6F B . -4.67 -0.74 3.55
CT R6F B . -6.14 6.67 8.36
N10 R6F B . -5.41 -1.00 4.80
N3 R6F B . 0.52 0.32 6.59
N5 R6F B . -2.69 -0.44 5.08
N8 R6F B . -1.11 0.45 2.89
NA2 R6F B . 2.47 1.21 5.67
O1 R6F B . -6.77 7.77 8.48
O2 R6F B . -5.28 6.56 7.41
O4 R6F B . -1.33 -0.55 7.51
C102 R6F B . -5.76 -2.41 5.10
HN R6F B . -5.41 4.42 7.88
HA R6F B . -7.32 5.46 9.71
HB1 R6F B . -4.85 4.81 10.53
HB2 R6F B . -6.13 5.20 11.38
HG1 R6F B . -5.52 7.51 11.27
HG2 R6F B . -4.26 7.16 10.38
H12 R6F B . -5.34 3.30 6.29
H13 R6F B . -4.79 1.57 4.76
H15 R6F B . -6.80 -1.16 7.01
H16 R6F B . -7.45 0.57 8.49
H7 R6F B . -2.79 0.12 1.92
H92 R6F B . -4.69 -1.53 3.00
H91 R6F B . -5.10 -0.01 3.07
H31 R6F B . 0.91 0.32 7.35
HN22 R6F B . 2.93 1.39 4.98
HN21 R6F B . 2.71 1.36 6.48
H101 R6F B . -5.28 -2.99 4.51
H102 R6F B . -6.72 -2.54 4.98
H103 R6F B . -5.54 -2.61 6.02
PA NAP C . -7.25 -6.27 -3.85
O1A NAP C . -6.10 -6.07 -4.72
O2A NAP C . -7.59 -5.36 -2.71
O5B NAP C . -8.66 -6.28 -4.61
C5B NAP C . -8.79 -7.06 -5.83
C4B NAP C . -10.12 -6.69 -6.45
O4B NAP C . -9.97 -5.37 -7.04
C3B NAP C . -10.47 -7.56 -7.63
O3B NAP C . -11.15 -8.73 -7.19
C2B NAP C . -11.36 -6.61 -8.46
O2B NAP C . -12.65 -6.42 -7.87
C1B NAP C . -10.61 -5.28 -8.28
N9A NAP C . -9.64 -5.04 -9.33
C8A NAP C . -8.30 -5.16 -9.28
N7A NAP C . -7.77 -4.83 -10.42
C5A NAP C . -8.75 -4.43 -11.28
C6A NAP C . -8.81 -3.96 -12.60
N6A NAP C . -7.69 -3.80 -13.36
N1A NAP C . -10.00 -3.65 -13.08
C2A NAP C . -11.07 -3.82 -12.33
N3A NAP C . -11.15 -4.27 -11.08
C4A NAP C . -9.97 -4.58 -10.58
O3 NAP C . -7.31 -7.77 -3.30
PN NAP C . -6.20 -8.79 -2.68
O1N NAP C . -5.07 -9.00 -3.66
O2N NAP C . -6.99 -9.98 -2.24
O5D NAP C . -5.64 -7.99 -1.42
C5D NAP C . -6.40 -7.85 -0.20
C4D NAP C . -5.48 -8.22 0.96
O4D NAP C . -4.42 -7.25 1.03
C3D NAP C . -6.15 -8.18 2.33
O3D NAP C . -5.59 -9.18 3.19
C2D NAP C . -5.72 -6.82 2.89
O2D NAP C . -5.68 -6.79 4.31
C1D NAP C . -4.30 -6.77 2.37
N1N NAP C . -3.64 -5.46 2.27
C2N NAP C . -2.52 -5.27 2.96
C3N NAP C . -1.83 -4.08 2.88
C7N NAP C . -0.55 -3.85 3.60
O7N NAP C . 0.05 -2.79 3.40
N7N NAP C . -0.05 -4.84 4.37
C4N NAP C . -2.33 -3.09 2.04
C5N NAP C . -3.50 -3.32 1.35
C6N NAP C . -4.14 -4.53 1.48
P2B NAP C . -13.95 -7.19 -8.44
O1X NAP C . -15.09 -6.44 -7.83
O2X NAP C . -13.80 -8.69 -8.00
O3X NAP C . -13.90 -6.98 -10.01
H51A NAP C . -8.77 -8.01 -5.62
H52A NAP C . -8.07 -6.85 -6.44
H4B NAP C . -10.84 -6.71 -5.80
H3B NAP C . -9.68 -7.79 -8.14
HO3A NAP C . -11.54 -8.54 -6.46
H2B NAP C . -11.42 -6.87 -9.39
H1B NAP C . -11.27 -4.56 -8.26
H8A NAP C . -7.82 -5.44 -8.52
H61A NAP C . -6.94 -3.61 -12.97
H62A NAP C . -7.80 -3.94 -14.20
H2A NAP C . -11.89 -3.60 -12.72
H51N NAP C . -7.17 -8.43 -0.20
H52N NAP C . -6.69 -6.93 -0.08
H4D NAP C . -5.15 -9.12 0.76
H3D NAP C . -7.12 -8.26 2.24
HO3N NAP C . -5.89 -9.92 2.92
H2D NAP C . -6.32 -6.14 2.53
HO2N NAP C . -6.47 -6.66 4.59
H1D NAP C . -3.78 -7.38 2.93
H2N NAP C . -2.26 -6.01 3.47
H71N NAP C . 0.70 -4.74 4.79
H72N NAP C . -0.50 -5.57 4.48
H4N NAP C . -1.88 -2.29 1.94
H5N NAP C . -3.86 -2.66 0.78
H6N NAP C . -4.93 -4.76 1.05
MN MN D . 8.51 -9.70 15.84
MN MN E . -4.16 15.56 -16.97
MN MN F . -8.88 0.32 -21.38
MN MN G . 5.63 -10.68 -10.08
#